data_3VA2
#
_entry.id   3VA2
#
_cell.length_a   58.633
_cell.length_b   88.680
_cell.length_c   126.674
_cell.angle_alpha   90.00
_cell.angle_beta   90.00
_cell.angle_gamma   90.00
#
_symmetry.space_group_name_H-M   'P 21 21 21'
#
loop_
_entity.id
_entity.type
_entity.pdbx_description
1 polymer Interleukin-5
2 polymer 'Interleukin-5 receptor subunit alpha'
3 water water
#
loop_
_entity_poly.entity_id
_entity_poly.type
_entity_poly.pdbx_seq_one_letter_code
_entity_poly.pdbx_strand_id
1 'polypeptide(L)'
;GSSGSSGEIPTSALVKETLALLSTHRTLLIANETLRIPVPVHKNHQLCTEEIFQGIGTLESQTVQGGTVERLFKNLSLIK
KYIDGQKKKCGEERRRVNQFLDYLQEFLGVMNTEWIIES
;
A,B
2 'polypeptide(L)'
;GSSGSSGDLLPDEKISLLPPVNFTIKVTGLAQVLLQWKPNPDQEQRNVNLEYQVKINAPKEDDYETRITESKCVTILHKG
FSASVRTILQNDHSLLASSWASAELHAPPGSPGTSIVNLTCTTNTTEDNYSRLRSYQVSLHCTWLVGTDAPEDTQYFLYY
RYGSWTEECQEYSKDTLGRNIACWFPRTFILSKGRDWLAVLVNGSSKHSAIRPFDQLFALHAIDQINPPLNVTAEIEGTR
LSIQWEKPVSAFPIHCFDYEVKIHNTRNGYLQIEKLMTNAFISIIDDLSKYDVQVRAAVSSMCREAGLWSEWSQPIYVGN
DE
;
C
#
# COMPACT_ATOMS: atom_id res chain seq x y z
N ILE A 9 -12.46 -13.03 -17.57
CA ILE A 9 -13.42 -12.17 -16.89
C ILE A 9 -12.86 -11.50 -15.61
N PRO A 10 -12.20 -12.26 -14.73
CA PRO A 10 -11.50 -11.54 -13.65
C PRO A 10 -10.36 -10.70 -14.23
N THR A 11 -10.19 -9.50 -13.69
CA THR A 11 -9.30 -8.49 -14.28
C THR A 11 -7.85 -8.98 -14.46
N SER A 12 -7.36 -9.75 -13.50
CA SER A 12 -5.99 -10.29 -13.58
C SER A 12 -5.85 -11.22 -14.78
N ALA A 13 -6.84 -12.08 -14.98
CA ALA A 13 -6.86 -12.98 -16.13
C ALA A 13 -7.05 -12.21 -17.42
N LEU A 14 -7.75 -11.09 -17.34
CA LEU A 14 -8.02 -10.26 -18.51
C LEU A 14 -6.74 -9.64 -19.07
N VAL A 15 -5.88 -9.14 -18.18
CA VAL A 15 -4.62 -8.54 -18.57
C VAL A 15 -3.66 -9.58 -19.15
N LYS A 16 -3.52 -10.71 -18.47
CA LYS A 16 -2.68 -11.81 -18.94
C LYS A 16 -3.07 -12.24 -20.34
N GLU A 17 -4.37 -12.25 -20.61
CA GLU A 17 -4.89 -12.60 -21.93
C GLU A 17 -4.62 -11.49 -22.94
N THR A 18 -4.96 -10.26 -22.55
CA THR A 18 -4.83 -9.10 -23.44
C THR A 18 -3.38 -8.91 -23.91
N LEU A 19 -2.44 -9.17 -23.02
CA LEU A 19 -1.01 -9.07 -23.36
C LEU A 19 -0.62 -10.04 -24.48
N ALA A 20 -1.07 -11.28 -24.37
CA ALA A 20 -0.78 -12.29 -25.38
C ALA A 20 -1.33 -11.90 -26.75
N LEU A 21 -2.61 -11.51 -26.77
CA LEU A 21 -3.25 -11.08 -28.01
C LEU A 21 -2.55 -9.87 -28.62
N LEU A 22 -2.05 -8.99 -27.77
CA LEU A 22 -1.38 -7.77 -28.21
C LEU A 22 -0.12 -8.07 -28.99
N SER A 23 0.59 -9.12 -28.58
CA SER A 23 1.84 -9.51 -29.23
C SER A 23 1.60 -10.23 -30.55
N THR A 24 0.46 -10.91 -30.65
CA THR A 24 0.11 -11.64 -31.86
C THR A 24 -0.21 -10.69 -33.01
N HIS A 25 -1.00 -9.67 -32.72
CA HIS A 25 -1.47 -8.74 -33.74
C HIS A 25 -0.60 -7.49 -33.86
N ARG A 26 0.70 -7.64 -33.60
CA ARG A 26 1.64 -6.54 -33.71
C ARG A 26 1.69 -5.95 -35.12
N THR A 27 2.20 -6.74 -36.05
CA THR A 27 2.39 -6.32 -37.43
C THR A 27 1.11 -5.74 -38.05
N LEU A 28 -0.03 -6.30 -37.67
CA LEU A 28 -1.33 -5.89 -38.19
C LEU A 28 -1.62 -4.42 -37.89
N LEU A 29 -1.36 -4.02 -36.64
CA LEU A 29 -1.61 -2.65 -36.20
C LEU A 29 -0.54 -1.67 -36.71
N ILE A 30 0.63 -2.21 -37.02
CA ILE A 30 1.79 -1.41 -37.43
C ILE A 30 1.52 -0.51 -38.65
N ALA A 31 0.63 -0.96 -39.52
CA ALA A 31 0.31 -0.33 -40.81
C ALA A 31 0.53 1.17 -40.96
N ASN A 32 -0.53 1.95 -40.69
CA ASN A 32 -0.53 3.40 -40.96
C ASN A 32 0.64 4.17 -40.37
N GLU A 33 1.53 4.65 -41.24
CA GLU A 33 2.72 5.40 -40.82
C GLU A 33 2.45 6.90 -40.77
N THR A 34 1.36 7.34 -41.38
CA THR A 34 0.93 8.72 -41.29
C THR A 34 0.43 8.99 -39.88
N LEU A 35 -0.12 7.95 -39.26
CA LEU A 35 -0.69 8.03 -37.92
C LEU A 35 0.36 8.39 -36.88
N ARG A 36 0.11 9.47 -36.15
CA ARG A 36 0.99 9.92 -35.08
C ARG A 36 0.23 9.99 -33.76
N ILE A 37 0.64 9.18 -32.80
CA ILE A 37 -0.01 9.16 -31.51
C ILE A 37 0.97 9.43 -30.38
N PRO A 38 0.60 10.35 -29.47
CA PRO A 38 1.40 10.73 -28.29
C PRO A 38 1.94 9.55 -27.50
N VAL A 39 3.24 9.56 -27.22
CA VAL A 39 3.88 8.52 -26.41
C VAL A 39 4.76 9.16 -25.33
N PRO A 40 4.42 8.89 -24.05
CA PRO A 40 5.11 9.48 -22.89
C PRO A 40 6.61 9.18 -22.86
N VAL A 41 7.39 10.12 -22.33
CA VAL A 41 8.84 9.96 -22.25
C VAL A 41 9.29 9.36 -20.93
N HIS A 42 8.34 9.18 -20.01
CA HIS A 42 8.63 8.54 -18.74
C HIS A 42 7.77 7.29 -18.54
N LYS A 43 8.01 6.58 -17.45
CA LYS A 43 7.30 5.32 -17.21
C LYS A 43 6.38 5.37 -15.99
N ASN A 44 5.97 6.59 -15.62
CA ASN A 44 4.90 6.77 -14.65
C ASN A 44 3.57 6.59 -15.36
N HIS A 45 3.25 5.34 -15.67
CA HIS A 45 2.10 5.00 -16.51
C HIS A 45 0.77 5.51 -15.96
N GLN A 46 0.63 5.45 -14.64
CA GLN A 46 -0.65 5.76 -13.99
C GLN A 46 -1.08 7.22 -14.15
N LEU A 47 -0.16 8.06 -14.61
CA LEU A 47 -0.49 9.44 -14.94
C LEU A 47 -1.11 9.53 -16.32
N CYS A 48 -0.79 8.56 -17.17
CA CYS A 48 -1.07 8.67 -18.60
C CYS A 48 -2.19 7.75 -19.11
N THR A 49 -3.08 7.33 -18.23
CA THR A 49 -4.17 6.43 -18.62
C THR A 49 -5.14 7.10 -19.59
N GLU A 50 -5.28 8.42 -19.47
CA GLU A 50 -6.13 9.17 -20.38
C GLU A 50 -5.48 9.25 -21.76
N GLU A 51 -4.16 9.46 -21.77
CA GLU A 51 -3.41 9.53 -23.02
C GLU A 51 -3.36 8.17 -23.74
N ILE A 52 -3.14 7.12 -22.96
CA ILE A 52 -3.02 5.77 -23.51
C ILE A 52 -4.31 5.30 -24.20
N PHE A 53 -5.44 5.47 -23.53
CA PHE A 53 -6.71 5.03 -24.09
C PHE A 53 -7.24 5.97 -25.17
N GLN A 54 -6.65 7.14 -25.29
CA GLN A 54 -6.91 8.02 -26.43
C GLN A 54 -6.16 7.46 -27.64
N GLY A 55 -4.99 6.91 -27.38
CA GLY A 55 -4.19 6.28 -28.42
C GLY A 55 -4.78 4.95 -28.84
N ILE A 56 -5.38 4.25 -27.89
CA ILE A 56 -6.09 3.01 -28.16
C ILE A 56 -7.27 3.28 -29.09
N GLY A 57 -8.03 4.31 -28.77
CA GLY A 57 -9.23 4.65 -29.53
C GLY A 57 -8.97 5.22 -30.90
N THR A 58 -7.72 5.58 -31.19
CA THR A 58 -7.37 6.06 -32.52
C THR A 58 -6.80 4.92 -33.36
N LEU A 59 -7.01 3.70 -32.88
CA LEU A 59 -6.66 2.50 -33.64
C LEU A 59 -7.93 1.74 -34.00
N GLU A 60 -8.82 1.62 -33.02
CA GLU A 60 -10.10 0.96 -33.21
C GLU A 60 -10.92 1.62 -34.31
N SER A 61 -10.70 2.93 -34.49
CA SER A 61 -11.37 3.69 -35.53
C SER A 61 -10.57 3.69 -36.83
N GLN A 62 -9.49 2.92 -36.88
CA GLN A 62 -8.65 2.85 -38.08
C GLN A 62 -8.31 1.42 -38.50
N THR A 63 -8.27 0.50 -37.53
CA THR A 63 -7.99 -0.90 -37.83
C THR A 63 -9.28 -1.68 -38.09
N VAL A 64 -9.14 -2.87 -38.67
CA VAL A 64 -10.30 -3.70 -38.99
C VAL A 64 -10.55 -4.72 -37.88
N GLN A 65 -11.70 -4.59 -37.21
CA GLN A 65 -12.08 -5.51 -36.15
C GLN A 65 -12.59 -6.83 -36.74
N GLY A 66 -11.70 -7.59 -37.36
CA GLY A 66 -12.08 -8.80 -38.06
C GLY A 66 -11.89 -10.08 -37.27
N GLY A 67 -10.65 -10.57 -37.21
CA GLY A 67 -10.36 -11.80 -36.51
C GLY A 67 -10.38 -11.63 -34.99
N THR A 68 -9.30 -12.03 -34.34
CA THR A 68 -9.19 -11.83 -32.90
C THR A 68 -8.68 -10.43 -32.58
N VAL A 69 -8.56 -9.61 -33.63
CA VAL A 69 -8.25 -8.19 -33.48
C VAL A 69 -9.38 -7.53 -32.70
N GLU A 70 -10.59 -8.04 -32.88
CA GLU A 70 -11.75 -7.51 -32.21
C GLU A 70 -11.73 -7.84 -30.72
N ARG A 71 -11.15 -8.99 -30.38
CA ARG A 71 -11.07 -9.40 -28.98
C ARG A 71 -10.10 -8.52 -28.20
N LEU A 72 -9.04 -8.09 -28.87
CA LEU A 72 -8.04 -7.22 -28.26
C LEU A 72 -8.64 -5.89 -27.83
N PHE A 73 -9.25 -5.18 -28.78
CA PHE A 73 -9.85 -3.88 -28.50
C PHE A 73 -11.01 -3.97 -27.52
N LYS A 74 -11.63 -5.14 -27.43
CA LYS A 74 -12.71 -5.35 -26.48
C LYS A 74 -12.15 -5.57 -25.07
N ASN A 75 -11.03 -6.28 -24.99
CA ASN A 75 -10.34 -6.48 -23.72
C ASN A 75 -9.80 -5.15 -23.20
N LEU A 76 -9.18 -4.38 -24.08
CA LEU A 76 -8.68 -3.05 -23.74
C LEU A 76 -9.82 -2.15 -23.28
N SER A 77 -10.99 -2.34 -23.88
CA SER A 77 -12.19 -1.63 -23.47
C SER A 77 -12.57 -2.00 -22.03
N LEU A 78 -12.48 -3.29 -21.72
CA LEU A 78 -12.79 -3.78 -20.38
C LEU A 78 -11.74 -3.36 -19.37
N ILE A 79 -10.49 -3.28 -19.80
CA ILE A 79 -9.40 -2.81 -18.95
C ILE A 79 -9.60 -1.32 -18.66
N LYS A 80 -10.04 -0.57 -19.67
CA LYS A 80 -10.36 0.84 -19.49
C LYS A 80 -11.45 1.03 -18.45
N LYS A 81 -12.47 0.16 -18.51
CA LYS A 81 -13.57 0.21 -17.56
C LYS A 81 -13.10 -0.10 -16.14
N TYR A 82 -12.13 -1.01 -16.02
CA TYR A 82 -11.55 -1.31 -14.71
C TYR A 82 -10.84 -0.08 -14.15
N ILE A 83 -9.99 0.53 -14.97
CA ILE A 83 -9.24 1.71 -14.58
C ILE A 83 -10.15 2.88 -14.24
N ASP A 84 -11.19 3.07 -15.05
CA ASP A 84 -12.18 4.11 -14.79
C ASP A 84 -12.84 3.92 -13.43
N GLY A 85 -13.06 2.65 -13.07
CA GLY A 85 -13.62 2.32 -11.78
C GLY A 85 -12.67 2.68 -10.65
N GLN A 86 -11.37 2.52 -10.89
CA GLN A 86 -10.36 2.83 -9.89
C GLN A 86 -10.30 4.33 -9.62
N LYS A 87 -10.45 5.12 -10.69
CA LYS A 87 -10.47 6.57 -10.58
C LYS A 87 -11.71 7.06 -9.87
N LYS A 88 -12.84 6.40 -10.14
CA LYS A 88 -14.08 6.71 -9.46
C LYS A 88 -13.90 6.47 -7.97
N LYS A 89 -13.11 5.45 -7.65
CA LYS A 89 -12.82 5.07 -6.27
C LYS A 89 -11.89 6.08 -5.56
N CYS A 90 -11.31 6.99 -6.32
CA CYS A 90 -10.36 7.95 -5.75
C CYS A 90 -11.00 8.93 -4.76
N GLY A 91 -12.27 9.24 -4.97
CA GLY A 91 -12.95 10.22 -4.14
C GLY A 91 -14.36 9.85 -3.72
N GLU A 92 -14.67 8.55 -3.74
CA GLU A 92 -15.97 8.07 -3.30
C GLU A 92 -16.18 8.32 -1.81
N GLU A 93 -15.12 8.11 -1.03
CA GLU A 93 -15.20 8.26 0.42
C GLU A 93 -14.41 9.46 0.92
N ARG A 94 -15.02 10.21 1.84
CA ARG A 94 -14.35 11.34 2.48
C ARG A 94 -14.12 11.02 3.95
N ARG A 95 -12.85 11.03 4.36
CA ARG A 95 -12.50 10.56 5.70
C ARG A 95 -11.80 11.62 6.55
N ARG A 96 -11.51 11.26 7.81
CA ARG A 96 -10.84 12.15 8.75
C ARG A 96 -9.48 12.58 8.21
N VAL A 97 -9.01 13.72 8.68
CA VAL A 97 -7.75 14.30 8.21
C VAL A 97 -6.57 13.36 8.46
N ASN A 98 -6.55 12.72 9.62
CA ASN A 98 -5.47 11.79 9.97
C ASN A 98 -5.35 10.63 9.00
N GLN A 99 -6.48 10.18 8.45
CA GLN A 99 -6.47 9.09 7.48
C GLN A 99 -6.06 9.60 6.10
N PHE A 100 -6.38 10.85 5.79
CA PHE A 100 -5.97 11.45 4.52
C PHE A 100 -4.46 11.62 4.48
N LEU A 101 -3.91 12.14 5.57
CA LEU A 101 -2.47 12.37 5.66
C LEU A 101 -1.69 11.06 5.59
N ASP A 102 -2.26 10.00 6.15
CA ASP A 102 -1.66 8.67 6.05
C ASP A 102 -1.49 8.27 4.58
N TYR A 103 -2.51 8.57 3.78
CA TYR A 103 -2.50 8.25 2.36
C TYR A 103 -1.54 9.15 1.61
N LEU A 104 -1.54 10.44 1.95
CA LEU A 104 -0.65 11.41 1.32
C LEU A 104 0.82 11.06 1.58
N GLN A 105 1.11 10.69 2.81
CA GLN A 105 2.45 10.25 3.20
C GLN A 105 2.83 8.97 2.44
N GLU A 106 1.87 8.06 2.32
CA GLU A 106 2.07 6.81 1.61
C GLU A 106 2.24 7.10 0.12
N PHE A 107 1.55 8.13 -0.36
CA PHE A 107 1.64 8.57 -1.74
C PHE A 107 3.04 9.08 -2.08
N LEU A 108 3.53 10.00 -1.25
CA LEU A 108 4.85 10.59 -1.46
C LEU A 108 5.97 9.56 -1.31
N GLY A 109 5.73 8.52 -0.52
CA GLY A 109 6.68 7.44 -0.38
C GLY A 109 6.82 6.60 -1.63
N VAL A 110 5.72 6.44 -2.36
CA VAL A 110 5.71 5.69 -3.61
C VAL A 110 6.47 6.43 -4.71
N MET A 111 6.21 7.72 -4.83
CA MET A 111 6.93 8.57 -5.78
C MET A 111 8.44 8.42 -5.61
N ASN A 112 8.89 8.52 -4.37
CA ASN A 112 10.29 8.37 -4.03
C ASN A 112 10.82 6.97 -4.36
N THR A 113 10.06 5.95 -3.99
CA THR A 113 10.44 4.56 -4.26
C THR A 113 10.52 4.31 -5.77
N GLU A 114 9.55 4.86 -6.49
CA GLU A 114 9.44 4.63 -7.93
C GLU A 114 9.92 5.83 -8.73
N TRP A 115 11.21 6.14 -8.63
CA TRP A 115 11.83 7.22 -9.40
C TRP A 115 13.35 7.15 -9.29
N ILE B 9 16.57 25.48 -6.39
CA ILE B 9 15.22 25.00 -6.12
C ILE B 9 14.94 23.72 -6.90
N PRO B 10 15.36 22.56 -6.34
CA PRO B 10 15.25 21.25 -6.97
C PRO B 10 13.89 20.58 -6.73
N THR B 11 13.85 19.27 -6.87
CA THR B 11 12.61 18.50 -6.70
C THR B 11 12.82 17.21 -5.91
N SER B 12 13.82 16.43 -6.33
CA SER B 12 14.03 15.09 -5.79
C SER B 12 14.32 15.03 -4.29
N ALA B 13 14.58 16.19 -3.70
CA ALA B 13 14.83 16.28 -2.26
C ALA B 13 13.76 17.10 -1.57
N LEU B 14 12.79 17.60 -2.34
CA LEU B 14 11.64 18.30 -1.80
C LEU B 14 10.86 17.35 -0.90
N VAL B 15 10.52 16.19 -1.46
CA VAL B 15 9.72 15.18 -0.79
C VAL B 15 10.31 14.75 0.55
N LYS B 16 11.64 14.60 0.59
CA LYS B 16 12.34 14.18 1.79
C LYS B 16 12.11 15.16 2.93
N GLU B 17 12.21 16.45 2.60
CA GLU B 17 12.00 17.50 3.57
C GLU B 17 10.51 17.74 3.78
N THR B 18 9.72 17.51 2.73
CA THR B 18 8.28 17.66 2.82
C THR B 18 7.63 16.60 3.72
N LEU B 19 8.00 15.33 3.51
CA LEU B 19 7.50 14.25 4.35
C LEU B 19 7.88 14.46 5.81
N ALA B 20 9.10 14.91 6.04
CA ALA B 20 9.58 15.20 7.39
C ALA B 20 8.75 16.29 8.05
N LEU B 21 8.28 17.24 7.24
CA LEU B 21 7.41 18.30 7.73
C LEU B 21 6.05 17.73 8.17
N LEU B 22 5.50 16.85 7.34
CA LEU B 22 4.21 16.22 7.64
C LEU B 22 4.27 15.37 8.90
N SER B 23 5.47 14.88 9.23
CA SER B 23 5.65 14.05 10.41
C SER B 23 5.52 14.84 11.70
N THR B 24 5.70 16.15 11.61
CA THR B 24 5.67 17.02 12.78
C THR B 24 4.33 17.72 12.96
N HIS B 25 3.86 18.38 11.90
CA HIS B 25 2.63 19.17 11.96
C HIS B 25 1.37 18.33 11.88
N ARG B 26 1.54 17.01 11.96
CA ARG B 26 0.42 16.07 11.92
C ARG B 26 -0.59 16.38 13.03
N THR B 27 -0.11 16.46 14.26
CA THR B 27 -0.97 16.79 15.41
C THR B 27 -1.69 18.13 15.25
N LEU B 28 -1.05 19.07 14.57
CA LEU B 28 -1.68 20.37 14.31
C LEU B 28 -2.74 20.24 13.22
N LEU B 29 -2.41 19.51 12.16
CA LEU B 29 -3.30 19.36 11.03
C LEU B 29 -4.55 18.54 11.36
N ILE B 30 -4.39 17.51 12.19
CA ILE B 30 -5.49 16.62 12.51
C ILE B 30 -6.33 17.13 13.69
N ALA B 31 -6.14 18.40 14.04
CA ALA B 31 -6.91 19.03 15.10
C ALA B 31 -8.36 19.25 14.65
N ASN B 32 -8.54 19.51 13.36
CA ASN B 32 -9.87 19.63 12.79
C ASN B 32 -10.47 18.23 12.63
N GLU B 33 -11.50 17.96 13.43
CA GLU B 33 -12.07 16.61 13.48
C GLU B 33 -13.43 16.51 12.77
N THR B 34 -13.95 17.64 12.32
CA THR B 34 -15.19 17.65 11.56
C THR B 34 -14.90 17.53 10.06
N LEU B 35 -13.70 17.95 9.66
CA LEU B 35 -13.34 17.98 8.25
C LEU B 35 -13.22 16.58 7.65
N ARG B 36 -13.94 16.36 6.56
CA ARG B 36 -13.87 15.11 5.81
C ARG B 36 -13.24 15.32 4.44
N ILE B 37 -12.17 14.60 4.16
CA ILE B 37 -11.40 14.78 2.94
C ILE B 37 -11.36 13.47 2.14
N PRO B 38 -11.58 13.56 0.83
CA PRO B 38 -11.57 12.36 -0.02
C PRO B 38 -10.30 11.52 0.10
N VAL B 39 -10.46 10.25 0.47
CA VAL B 39 -9.36 9.31 0.54
C VAL B 39 -9.70 8.10 -0.32
N PRO B 40 -8.83 7.78 -1.29
CA PRO B 40 -9.08 6.65 -2.19
C PRO B 40 -9.18 5.36 -1.40
N VAL B 41 -10.05 4.45 -1.83
CA VAL B 41 -10.22 3.18 -1.12
C VAL B 41 -9.30 2.11 -1.69
N HIS B 42 -8.37 2.53 -2.55
CA HIS B 42 -7.39 1.61 -3.13
C HIS B 42 -5.98 2.15 -2.98
N LYS B 43 -4.98 1.31 -3.24
CA LYS B 43 -3.58 1.67 -3.01
C LYS B 43 -2.80 1.95 -4.30
N ASN B 44 -3.53 2.32 -5.35
CA ASN B 44 -2.90 2.76 -6.59
C ASN B 44 -2.81 4.28 -6.59
N HIS B 45 -1.89 4.81 -5.79
CA HIS B 45 -1.80 6.22 -5.46
C HIS B 45 -1.77 7.20 -6.65
N GLN B 46 -0.99 6.87 -7.67
CA GLN B 46 -0.74 7.79 -8.78
C GLN B 46 -1.98 8.04 -9.66
N LEU B 47 -3.00 7.21 -9.51
CA LEU B 47 -4.26 7.38 -10.23
C LEU B 47 -5.10 8.50 -9.61
N CYS B 48 -4.70 8.97 -8.43
CA CYS B 48 -5.55 9.86 -7.65
C CYS B 48 -4.91 11.19 -7.30
N THR B 49 -4.07 11.73 -8.18
CA THR B 49 -3.42 13.00 -7.94
C THR B 49 -4.41 14.17 -7.83
N GLU B 50 -5.41 14.16 -8.70
CA GLU B 50 -6.44 15.20 -8.70
C GLU B 50 -7.18 15.30 -7.37
N GLU B 51 -7.46 14.15 -6.77
CA GLU B 51 -8.19 14.11 -5.51
C GLU B 51 -7.29 14.37 -4.31
N ILE B 52 -6.04 13.91 -4.40
CA ILE B 52 -5.08 14.12 -3.31
C ILE B 52 -4.76 15.60 -3.12
N PHE B 53 -4.46 16.28 -4.24
CA PHE B 53 -4.09 17.68 -4.18
C PHE B 53 -5.30 18.62 -4.06
N GLN B 54 -6.49 18.10 -4.33
CA GLN B 54 -7.72 18.84 -4.06
C GLN B 54 -7.97 18.76 -2.57
N GLY B 55 -7.63 17.63 -1.98
CA GLY B 55 -7.74 17.45 -0.54
C GLY B 55 -6.73 18.31 0.20
N ILE B 56 -5.54 18.43 -0.36
CA ILE B 56 -4.51 19.30 0.20
C ILE B 56 -4.96 20.75 0.18
N GLY B 57 -5.68 21.12 -0.89
CA GLY B 57 -6.21 22.47 -1.00
C GLY B 57 -7.28 22.78 0.04
N THR B 58 -8.21 21.85 0.22
CA THR B 58 -9.25 21.99 1.23
C THR B 58 -8.64 22.03 2.62
N LEU B 59 -7.62 21.20 2.84
CA LEU B 59 -6.92 21.18 4.11
C LEU B 59 -6.13 22.46 4.32
N GLU B 60 -5.74 23.11 3.23
CA GLU B 60 -5.06 24.40 3.30
C GLU B 60 -6.06 25.51 3.56
N SER B 61 -7.22 25.41 2.94
CA SER B 61 -8.26 26.42 3.08
C SER B 61 -9.05 26.25 4.38
N GLN B 62 -8.41 25.65 5.38
CA GLN B 62 -9.03 25.43 6.68
C GLN B 62 -7.95 25.24 7.75
N THR B 63 -6.78 25.81 7.52
CA THR B 63 -5.66 25.67 8.44
C THR B 63 -5.04 27.02 8.78
N VAL B 64 -4.77 27.23 10.06
CA VAL B 64 -4.08 28.45 10.50
C VAL B 64 -2.71 28.57 9.84
N GLN B 65 -2.62 29.47 8.86
CA GLN B 65 -1.37 29.69 8.13
C GLN B 65 -0.25 30.11 9.07
N GLY B 66 0.31 29.13 9.78
CA GLY B 66 1.32 29.40 10.80
C GLY B 66 2.71 29.63 10.24
N GLY B 67 3.71 29.19 10.99
CA GLY B 67 5.10 29.37 10.62
C GLY B 67 5.62 28.26 9.74
N THR B 68 6.02 27.16 10.37
CA THR B 68 6.57 26.02 9.64
C THR B 68 5.48 25.18 8.97
N VAL B 69 4.23 25.62 9.12
CA VAL B 69 3.09 24.96 8.48
C VAL B 69 2.91 25.49 7.06
N GLU B 70 3.02 26.81 6.93
CA GLU B 70 2.77 27.50 5.67
C GLU B 70 3.74 27.08 4.58
N ARG B 71 4.92 26.60 4.98
CA ARG B 71 5.91 26.11 4.04
C ARG B 71 5.51 24.75 3.45
N LEU B 72 4.97 23.89 4.29
CA LEU B 72 4.53 22.56 3.88
C LEU B 72 3.57 22.62 2.70
N PHE B 73 2.66 23.58 2.75
CA PHE B 73 1.60 23.69 1.76
C PHE B 73 2.04 24.36 0.45
N LYS B 74 3.22 24.96 0.45
CA LYS B 74 3.83 25.43 -0.78
C LYS B 74 4.66 24.31 -1.38
N ASN B 75 5.38 23.59 -0.52
CA ASN B 75 6.13 22.41 -0.95
C ASN B 75 5.21 21.38 -1.59
N LEU B 76 4.01 21.24 -1.04
CA LEU B 76 2.98 20.40 -1.64
C LEU B 76 2.48 21.02 -2.94
N SER B 77 2.39 22.35 -2.96
CA SER B 77 1.97 23.08 -4.14
C SER B 77 3.03 23.00 -5.24
N LEU B 78 4.30 23.00 -4.83
CA LEU B 78 5.42 22.87 -5.76
C LEU B 78 5.47 21.46 -6.36
N ILE B 79 5.24 20.46 -5.51
CA ILE B 79 5.20 19.06 -5.95
C ILE B 79 4.08 18.85 -6.98
N LYS B 80 2.96 19.54 -6.78
CA LYS B 80 1.83 19.48 -7.71
C LYS B 80 2.23 19.87 -9.13
N LYS B 81 2.94 20.98 -9.26
CA LYS B 81 3.34 21.47 -10.57
C LYS B 81 4.48 20.68 -11.19
N TYR B 82 5.13 19.84 -10.39
CA TYR B 82 6.04 18.85 -10.94
C TYR B 82 5.21 17.70 -11.51
N ILE B 83 4.16 17.34 -10.78
CA ILE B 83 3.22 16.32 -11.24
C ILE B 83 2.40 16.84 -12.41
N ASP B 84 1.97 18.10 -12.31
CA ASP B 84 1.29 18.76 -13.42
C ASP B 84 2.20 18.82 -14.63
N GLY B 85 3.50 18.92 -14.38
CA GLY B 85 4.49 18.91 -15.44
C GLY B 85 4.56 17.55 -16.13
N GLN B 86 4.66 16.50 -15.32
CA GLN B 86 4.73 15.14 -15.85
C GLN B 86 3.46 14.76 -16.59
N LYS B 87 2.33 15.32 -16.15
CA LYS B 87 1.03 15.03 -16.75
C LYS B 87 0.96 15.41 -18.22
N LYS B 88 1.37 16.65 -18.52
CA LYS B 88 1.36 17.13 -19.90
C LYS B 88 2.46 16.48 -20.73
N LYS B 89 3.43 15.87 -20.06
CA LYS B 89 4.51 15.16 -20.75
C LYS B 89 4.06 13.77 -21.20
N CYS B 90 2.85 13.40 -20.83
CA CYS B 90 2.29 12.11 -21.23
C CYS B 90 1.78 12.14 -22.66
N GLY B 91 1.28 13.30 -23.09
CA GLY B 91 0.70 13.42 -24.40
C GLY B 91 0.91 14.75 -25.10
N GLU B 92 2.16 15.02 -25.49
CA GLU B 92 2.47 16.19 -26.30
C GLU B 92 3.60 15.85 -27.27
N GLU B 93 4.17 14.66 -27.11
CA GLU B 93 5.14 14.14 -28.06
C GLU B 93 4.55 12.97 -28.83
N ARG B 94 4.18 13.22 -30.08
CA ARG B 94 3.68 12.15 -30.94
C ARG B 94 4.85 11.39 -31.55
N ARG B 95 4.86 10.08 -31.33
CA ARG B 95 5.92 9.24 -31.88
C ARG B 95 5.36 8.17 -32.81
N ARG B 96 6.24 7.35 -33.35
CA ARG B 96 5.87 6.47 -34.46
C ARG B 96 5.29 5.12 -34.02
N VAL B 97 4.12 4.81 -34.58
CA VAL B 97 3.56 3.49 -34.52
C VAL B 97 4.58 2.51 -35.09
N ASN B 98 5.04 1.55 -34.29
CA ASN B 98 4.52 1.36 -32.94
C ASN B 98 5.55 1.47 -31.81
N GLN B 99 5.85 2.69 -31.39
CA GLN B 99 6.52 2.92 -30.13
C GLN B 99 5.43 2.96 -29.07
N PHE B 100 4.23 3.31 -29.53
CA PHE B 100 3.04 3.36 -28.69
C PHE B 100 2.71 1.98 -28.13
N LEU B 101 2.73 0.98 -29.00
CA LEU B 101 2.44 -0.38 -28.58
C LEU B 101 3.52 -0.91 -27.64
N ASP B 102 4.77 -0.49 -27.85
CA ASP B 102 5.86 -0.86 -26.97
C ASP B 102 5.58 -0.37 -25.56
N TYR B 103 5.11 0.88 -25.47
CA TYR B 103 4.75 1.50 -24.21
C TYR B 103 3.57 0.77 -23.57
N LEU B 104 2.66 0.30 -24.41
CA LEU B 104 1.44 -0.36 -23.95
C LEU B 104 1.74 -1.71 -23.29
N GLN B 105 2.73 -2.43 -23.80
CA GLN B 105 3.13 -3.71 -23.23
C GLN B 105 3.64 -3.52 -21.81
N GLU B 106 4.49 -2.51 -21.62
CA GLU B 106 5.01 -2.16 -20.31
C GLU B 106 3.87 -1.80 -19.36
N PHE B 107 2.94 -0.99 -19.85
CA PHE B 107 1.80 -0.55 -19.07
C PHE B 107 0.97 -1.71 -18.55
N LEU B 108 0.58 -2.60 -19.45
CA LEU B 108 -0.21 -3.77 -19.07
C LEU B 108 0.62 -4.75 -18.23
N GLY B 109 1.93 -4.76 -18.46
CA GLY B 109 2.83 -5.60 -17.69
C GLY B 109 2.94 -5.15 -16.25
N VAL B 110 2.99 -3.83 -16.05
CA VAL B 110 3.06 -3.25 -14.71
C VAL B 110 1.78 -3.54 -13.93
N MET B 111 0.64 -3.31 -14.57
CA MET B 111 -0.67 -3.56 -13.99
C MET B 111 -0.79 -5.02 -13.55
N ASN B 112 -0.15 -5.90 -14.30
CA ASN B 112 -0.15 -7.33 -14.01
C ASN B 112 0.76 -7.66 -12.83
N THR B 113 1.98 -7.16 -12.85
CA THR B 113 2.95 -7.44 -11.80
C THR B 113 2.74 -6.60 -10.54
N GLU B 114 2.78 -5.28 -10.70
CA GLU B 114 2.80 -4.37 -9.56
C GLU B 114 1.46 -4.14 -8.88
N TRP B 115 0.49 -3.63 -9.63
CA TRP B 115 -0.82 -3.24 -9.09
C TRP B 115 -1.50 -4.33 -8.25
N ILE B 116 -2.27 -3.89 -7.26
CA ILE B 116 -3.17 -4.79 -6.54
C ILE B 116 -4.51 -4.81 -7.26
N ILE B 117 -5.00 -6.00 -7.57
CA ILE B 117 -6.26 -6.14 -8.30
C ILE B 117 -7.23 -7.08 -7.58
N LYS C 14 -38.52 21.66 1.52
CA LYS C 14 -39.34 20.76 2.33
C LYS C 14 -38.82 19.33 2.28
N ILE C 15 -37.98 18.98 3.24
CA ILE C 15 -37.40 17.64 3.29
C ILE C 15 -37.26 17.09 4.72
N SER C 16 -37.81 15.90 4.93
CA SER C 16 -37.56 15.12 6.14
C SER C 16 -36.73 13.90 5.75
N LEU C 17 -35.54 13.77 6.33
CA LEU C 17 -34.62 12.71 5.91
C LEU C 17 -34.99 11.32 6.40
N LEU C 18 -35.15 10.41 5.45
CA LEU C 18 -35.43 9.01 5.76
C LEU C 18 -34.11 8.23 5.77
N PRO C 19 -33.97 7.32 6.75
CA PRO C 19 -32.76 6.49 6.85
C PRO C 19 -32.70 5.48 5.71
N PRO C 20 -31.49 5.02 5.36
CA PRO C 20 -31.38 4.00 4.30
C PRO C 20 -31.96 2.67 4.76
N VAL C 21 -32.23 1.78 3.82
CA VAL C 21 -32.80 0.47 4.15
C VAL C 21 -31.91 -0.65 3.62
N ASN C 22 -32.27 -1.88 3.95
CA ASN C 22 -31.54 -3.06 3.51
C ASN C 22 -30.04 -2.98 3.84
N PHE C 23 -29.72 -2.52 5.04
CA PHE C 23 -28.34 -2.36 5.45
C PHE C 23 -27.73 -3.70 5.86
N THR C 24 -26.76 -4.17 5.08
CA THR C 24 -26.14 -5.47 5.34
C THR C 24 -24.66 -5.33 5.68
N ILE C 25 -24.13 -6.35 6.37
CA ILE C 25 -22.70 -6.49 6.58
C ILE C 25 -22.31 -7.94 6.32
N LYS C 26 -21.50 -8.18 5.29
CA LYS C 26 -21.02 -9.54 5.03
C LYS C 26 -19.50 -9.61 5.04
N VAL C 27 -18.98 -10.70 5.59
CA VAL C 27 -17.54 -10.97 5.58
C VAL C 27 -17.12 -11.36 4.17
N THR C 28 -16.17 -10.62 3.61
CA THR C 28 -15.70 -10.88 2.24
C THR C 28 -14.32 -11.52 2.21
N GLY C 29 -13.68 -11.59 3.38
CA GLY C 29 -12.37 -12.20 3.51
C GLY C 29 -11.84 -12.06 4.92
N LEU C 30 -10.59 -12.49 5.13
CA LEU C 30 -9.96 -12.38 6.43
C LEU C 30 -9.87 -10.93 6.84
N ALA C 31 -10.48 -10.60 7.98
CA ALA C 31 -10.50 -9.25 8.52
C ALA C 31 -11.00 -8.21 7.51
N GLN C 32 -12.07 -8.57 6.79
CA GLN C 32 -12.58 -7.73 5.72
C GLN C 32 -14.08 -7.90 5.54
N VAL C 33 -14.83 -6.81 5.74
CA VAL C 33 -16.27 -6.81 5.55
C VAL C 33 -16.72 -5.81 4.50
N LEU C 34 -17.88 -6.07 3.89
CA LEU C 34 -18.48 -5.11 2.98
C LEU C 34 -19.80 -4.61 3.55
N LEU C 35 -19.87 -3.30 3.80
CA LEU C 35 -21.12 -2.70 4.23
C LEU C 35 -21.95 -2.41 2.99
N GLN C 36 -23.23 -2.78 3.03
CA GLN C 36 -24.13 -2.54 1.91
C GLN C 36 -25.48 -2.02 2.39
N TRP C 37 -25.98 -1.00 1.69
CA TRP C 37 -27.31 -0.46 1.98
C TRP C 37 -27.92 0.04 0.68
N LYS C 38 -29.20 0.39 0.73
CA LYS C 38 -29.88 0.94 -0.43
C LYS C 38 -30.65 2.20 -0.03
N PRO C 39 -30.72 3.18 -0.94
CA PRO C 39 -31.46 4.42 -0.65
C PRO C 39 -32.94 4.11 -0.40
N ASN C 40 -33.51 4.77 0.60
CA ASN C 40 -34.91 4.59 0.93
C ASN C 40 -35.79 5.00 -0.26
N PRO C 41 -36.51 4.03 -0.85
CA PRO C 41 -37.35 4.30 -2.01
C PRO C 41 -38.51 5.22 -1.64
N ASP C 42 -38.81 5.31 -0.35
CA ASP C 42 -39.88 6.18 0.14
C ASP C 42 -39.38 7.62 0.28
N GLN C 43 -38.08 7.83 0.10
CA GLN C 43 -37.52 9.17 0.14
C GLN C 43 -37.98 9.95 -1.08
N GLU C 44 -38.48 11.16 -0.85
CA GLU C 44 -39.04 12.04 -1.88
C GLU C 44 -38.19 12.06 -3.16
N GLN C 45 -38.87 12.01 -4.31
CA GLN C 45 -38.22 11.84 -5.61
C GLN C 45 -36.93 12.63 -5.80
N ARG C 46 -35.85 11.89 -6.02
CA ARG C 46 -34.49 12.43 -6.00
C ARG C 46 -34.28 13.61 -6.92
N ASN C 47 -34.36 14.82 -6.35
CA ASN C 47 -34.06 16.05 -7.08
C ASN C 47 -32.82 16.70 -6.49
N VAL C 48 -32.39 16.18 -5.36
CA VAL C 48 -31.17 16.66 -4.71
C VAL C 48 -30.26 15.48 -4.37
N ASN C 49 -28.95 15.66 -4.54
CA ASN C 49 -27.99 14.58 -4.35
C ASN C 49 -27.77 14.21 -2.89
N LEU C 50 -28.20 13.01 -2.51
CA LEU C 50 -28.03 12.53 -1.15
C LEU C 50 -26.69 11.81 -1.00
N GLU C 51 -26.12 11.88 0.21
CA GLU C 51 -24.92 11.13 0.53
C GLU C 51 -25.17 10.35 1.81
N TYR C 52 -24.14 9.66 2.31
CA TYR C 52 -24.30 8.80 3.47
C TYR C 52 -23.15 8.94 4.46
N GLN C 53 -23.44 8.69 5.73
CA GLN C 53 -22.41 8.74 6.75
C GLN C 53 -22.29 7.39 7.43
N VAL C 54 -21.13 6.77 7.31
CA VAL C 54 -20.87 5.50 7.96
C VAL C 54 -20.24 5.71 9.34
N LYS C 55 -20.78 5.03 10.35
CA LYS C 55 -20.18 5.07 11.69
C LYS C 55 -19.89 3.66 12.14
N ILE C 56 -18.64 3.41 12.52
CA ILE C 56 -18.26 2.10 13.03
C ILE C 56 -18.13 2.15 14.55
N ASN C 57 -18.99 1.39 15.23
CA ASN C 57 -19.08 1.44 16.69
C ASN C 57 -18.10 0.51 17.41
N ALA C 58 -17.78 -0.61 16.78
CA ALA C 58 -16.92 -1.62 17.39
C ALA C 58 -16.29 -2.52 16.32
N PRO C 59 -15.08 -3.05 16.61
CA PRO C 59 -14.29 -2.89 17.82
C PRO C 59 -13.47 -1.60 17.84
N LYS C 60 -13.22 -1.01 16.68
CA LYS C 60 -12.50 0.26 16.61
C LYS C 60 -13.36 1.35 16.00
N GLU C 61 -13.50 2.45 16.73
CA GLU C 61 -14.38 3.54 16.31
C GLU C 61 -13.86 4.33 15.11
N ASP C 62 -14.77 4.62 14.19
CA ASP C 62 -14.45 5.43 13.02
C ASP C 62 -15.74 6.00 12.44
N ASP C 63 -15.61 7.06 11.64
CA ASP C 63 -16.75 7.57 10.89
C ASP C 63 -16.29 8.36 9.67
N TYR C 64 -17.07 8.26 8.59
CA TYR C 64 -16.72 8.89 7.32
C TYR C 64 -17.95 8.99 6.44
N GLU C 65 -17.80 9.66 5.30
CA GLU C 65 -18.91 9.84 4.37
C GLU C 65 -18.63 9.14 3.04
N THR C 66 -19.69 8.82 2.31
CA THR C 66 -19.55 8.21 0.98
C THR C 66 -20.66 8.68 0.05
N ARG C 67 -20.37 8.72 -1.25
CA ARG C 67 -21.36 9.13 -2.23
C ARG C 67 -22.21 7.95 -2.70
N ILE C 68 -21.70 6.74 -2.49
CA ILE C 68 -22.37 5.54 -2.95
C ILE C 68 -23.04 4.76 -1.82
N THR C 69 -23.56 3.57 -2.15
CA THR C 69 -24.39 2.82 -1.21
C THR C 69 -23.72 1.54 -0.69
N GLU C 70 -22.40 1.46 -0.83
CA GLU C 70 -21.65 0.37 -0.24
C GLU C 70 -20.24 0.82 0.14
N SER C 71 -19.61 0.11 1.07
CA SER C 71 -18.30 0.49 1.55
C SER C 71 -17.55 -0.69 2.16
N LYS C 72 -16.32 -0.90 1.74
CA LYS C 72 -15.47 -1.94 2.32
C LYS C 72 -14.80 -1.44 3.59
N CYS C 73 -14.87 -2.24 4.64
CA CYS C 73 -14.17 -1.94 5.88
C CYS C 73 -13.20 -3.08 6.24
N VAL C 74 -11.91 -2.73 6.37
CA VAL C 74 -10.93 -3.68 6.83
C VAL C 74 -10.79 -3.59 8.36
N THR C 75 -11.12 -4.68 9.03
CA THR C 75 -11.21 -4.69 10.50
C THR C 75 -11.11 -6.10 11.05
N ILE C 76 -10.57 -6.23 12.26
CA ILE C 76 -10.56 -7.53 12.93
C ILE C 76 -12.00 -7.95 13.25
N LEU C 77 -12.25 -9.24 13.28
CA LEU C 77 -13.61 -9.74 13.44
C LEU C 77 -13.82 -10.58 14.70
N HIS C 78 -12.71 -10.97 15.35
CA HIS C 78 -12.77 -11.88 16.48
C HIS C 78 -13.42 -11.29 17.73
N LYS C 79 -13.69 -9.98 17.71
CA LYS C 79 -14.38 -9.32 18.80
C LYS C 79 -15.81 -8.99 18.41
N GLY C 80 -16.20 -9.40 17.20
CA GLY C 80 -17.48 -8.98 16.64
C GLY C 80 -17.31 -7.66 15.92
N PHE C 81 -18.37 -7.17 15.30
CA PHE C 81 -18.32 -5.91 14.58
C PHE C 81 -19.67 -5.21 14.56
N SER C 82 -19.66 -3.89 14.70
CA SER C 82 -20.89 -3.10 14.72
C SER C 82 -20.74 -1.81 13.93
N ALA C 83 -21.69 -1.54 13.05
CA ALA C 83 -21.66 -0.32 12.24
C ALA C 83 -23.05 0.29 12.07
N SER C 84 -23.08 1.57 11.74
CA SER C 84 -24.34 2.28 11.53
C SER C 84 -24.21 3.22 10.34
N VAL C 85 -25.31 3.48 9.65
CA VAL C 85 -25.26 4.33 8.46
C VAL C 85 -26.39 5.35 8.38
N ARG C 86 -26.04 6.61 8.13
CA ARG C 86 -27.00 7.69 8.03
C ARG C 86 -27.25 8.09 6.58
N THR C 87 -28.31 8.85 6.36
CA THR C 87 -28.46 9.60 5.13
C THR C 87 -28.12 11.04 5.47
N ILE C 88 -27.26 11.67 4.68
CA ILE C 88 -26.91 13.06 4.93
C ILE C 88 -27.29 13.95 3.74
N LEU C 89 -27.83 15.12 4.06
CA LEU C 89 -28.16 16.14 3.07
C LEU C 89 -27.59 17.47 3.53
N GLN C 90 -26.63 17.99 2.78
CA GLN C 90 -25.96 19.22 3.17
C GLN C 90 -25.75 20.19 2.02
N ASN C 91 -25.94 21.47 2.31
CA ASN C 91 -25.62 22.55 1.39
C ASN C 91 -24.60 23.50 2.03
N ASP C 92 -25.08 24.67 2.43
CA ASP C 92 -24.27 25.59 3.22
C ASP C 92 -25.15 26.14 4.32
N HIS C 93 -26.39 26.45 3.96
CA HIS C 93 -27.38 26.94 4.91
C HIS C 93 -27.63 25.92 6.02
N SER C 94 -27.65 24.64 5.67
CA SER C 94 -28.00 23.61 6.62
C SER C 94 -27.39 22.23 6.33
N LEU C 95 -27.35 21.40 7.36
CA LEU C 95 -26.99 19.99 7.22
C LEU C 95 -28.10 19.14 7.82
N LEU C 96 -28.59 18.19 7.04
CA LEU C 96 -29.60 17.26 7.53
C LEU C 96 -29.05 15.85 7.64
N ALA C 97 -29.33 15.20 8.77
CA ALA C 97 -28.92 13.82 8.98
C ALA C 97 -30.10 12.99 9.49
N SER C 98 -30.35 11.87 8.84
CA SER C 98 -31.44 10.99 9.21
C SER C 98 -31.06 10.15 10.42
N SER C 99 -32.00 9.33 10.89
CA SER C 99 -31.72 8.41 11.98
C SER C 99 -30.79 7.31 11.51
N TRP C 100 -30.26 6.54 12.46
CA TRP C 100 -29.28 5.50 12.14
C TRP C 100 -29.92 4.17 11.74
N ALA C 101 -29.38 3.59 10.67
CA ALA C 101 -29.67 2.20 10.34
C ALA C 101 -28.45 1.40 10.77
N SER C 102 -28.65 0.46 11.68
CA SER C 102 -27.53 -0.27 12.27
C SER C 102 -27.53 -1.77 11.95
N ALA C 103 -26.34 -2.36 12.06
CA ALA C 103 -26.18 -3.79 11.85
C ALA C 103 -24.93 -4.26 12.58
N GLU C 104 -24.96 -5.47 13.12
CA GLU C 104 -23.82 -5.98 13.87
C GLU C 104 -23.53 -7.45 13.60
N LEU C 105 -22.24 -7.80 13.64
CA LEU C 105 -21.83 -9.20 13.59
C LEU C 105 -21.46 -9.64 15.00
N HIS C 106 -22.23 -10.57 15.55
CA HIS C 106 -22.01 -11.03 16.92
C HIS C 106 -20.65 -11.68 17.10
N ALA C 107 -20.05 -11.48 18.26
CA ALA C 107 -18.74 -12.05 18.59
C ALA C 107 -18.77 -13.57 18.47
N PRO C 108 -17.66 -14.16 18.01
CA PRO C 108 -17.55 -15.62 17.86
C PRO C 108 -17.81 -16.36 19.16
N PRO C 109 -18.56 -17.47 19.09
CA PRO C 109 -18.85 -18.29 20.28
C PRO C 109 -17.58 -18.92 20.84
N GLY C 110 -17.52 -19.02 22.17
CA GLY C 110 -16.36 -19.59 22.82
C GLY C 110 -15.96 -18.82 24.07
N SER C 111 -15.15 -19.45 24.91
CA SER C 111 -14.66 -18.84 26.14
C SER C 111 -13.44 -17.97 25.86
N PRO C 112 -13.25 -16.90 26.64
CA PRO C 112 -12.11 -16.00 26.48
C PRO C 112 -10.75 -16.70 26.55
N GLY C 113 -10.60 -17.63 27.49
CA GLY C 113 -9.32 -18.31 27.67
C GLY C 113 -9.06 -19.43 26.69
N THR C 114 -9.91 -19.56 25.67
CA THR C 114 -9.75 -20.58 24.65
C THR C 114 -8.90 -20.08 23.48
N SER C 115 -8.77 -18.76 23.38
CA SER C 115 -8.03 -18.12 22.29
C SER C 115 -6.52 -18.27 22.46
N ILE C 116 -5.78 -18.07 21.37
CA ILE C 116 -4.33 -18.07 21.42
C ILE C 116 -3.84 -16.81 22.11
N VAL C 117 -2.55 -16.78 22.45
CA VAL C 117 -1.97 -15.65 23.16
C VAL C 117 -0.68 -15.18 22.48
N ASN C 118 -0.51 -13.86 22.38
CA ASN C 118 0.71 -13.26 21.87
C ASN C 118 1.08 -13.67 20.44
N LEU C 119 0.18 -13.36 19.49
CA LEU C 119 0.45 -13.64 18.08
C LEU C 119 1.53 -12.69 17.56
N THR C 120 2.67 -13.26 17.20
CA THR C 120 3.77 -12.47 16.65
C THR C 120 4.15 -13.01 15.28
N CYS C 121 4.13 -12.15 14.26
CA CYS C 121 4.45 -12.55 12.90
C CYS C 121 5.64 -11.78 12.35
N THR C 122 6.40 -12.42 11.47
CA THR C 122 7.60 -11.82 10.90
C THR C 122 7.72 -12.13 9.41
N THR C 123 7.89 -11.10 8.59
CA THR C 123 8.11 -11.29 7.16
C THR C 123 9.57 -11.01 6.82
N ASN C 124 10.10 -11.76 5.85
CA ASN C 124 11.46 -11.55 5.38
C ASN C 124 11.55 -11.70 3.86
N THR C 125 12.41 -10.91 3.23
CA THR C 125 12.55 -10.95 1.79
C THR C 125 13.84 -11.67 1.38
N THR C 126 13.72 -12.64 0.49
CA THR C 126 14.88 -13.35 -0.04
C THR C 126 14.87 -13.32 -1.57
N GLU C 127 15.92 -13.83 -2.18
CA GLU C 127 16.02 -13.84 -3.65
C GLU C 127 15.38 -15.09 -4.24
N ASP C 128 14.57 -14.87 -5.28
CA ASP C 128 13.84 -15.95 -5.92
C ASP C 128 14.52 -16.40 -7.21
N ASN C 129 15.19 -17.55 -7.17
CA ASN C 129 15.84 -18.12 -8.33
C ASN C 129 15.00 -19.25 -8.89
N TYR C 130 14.15 -19.81 -8.04
CA TYR C 130 13.23 -20.88 -8.41
C TYR C 130 12.22 -20.37 -9.43
N SER C 131 11.98 -19.06 -9.43
CA SER C 131 10.95 -18.46 -10.27
C SER C 131 11.47 -17.24 -11.03
N ARG C 132 11.51 -17.34 -12.36
CA ARG C 132 11.84 -16.21 -13.21
C ARG C 132 10.62 -15.31 -13.37
N LEU C 133 9.49 -15.77 -12.86
CA LEU C 133 8.22 -15.04 -12.99
C LEU C 133 8.20 -13.78 -12.13
N ARG C 134 8.80 -13.87 -10.94
CA ARG C 134 8.78 -12.75 -10.01
C ARG C 134 10.14 -12.44 -9.41
N SER C 135 10.28 -11.21 -8.92
CA SER C 135 11.48 -10.80 -8.20
C SER C 135 11.24 -10.88 -6.70
N TYR C 136 12.09 -11.64 -6.04
CA TYR C 136 12.09 -11.78 -4.57
C TYR C 136 10.93 -12.58 -3.98
N GLN C 137 11.25 -13.41 -3.00
CA GLN C 137 10.25 -14.15 -2.23
C GLN C 137 9.92 -13.33 -1.00
N VAL C 138 8.79 -13.66 -0.36
CA VAL C 138 8.47 -13.12 0.95
C VAL C 138 7.99 -14.25 1.85
N SER C 139 8.69 -14.44 2.97
CA SER C 139 8.37 -15.52 3.89
C SER C 139 7.56 -15.04 5.08
N LEU C 140 6.80 -15.95 5.69
CA LEU C 140 5.97 -15.60 6.84
C LEU C 140 6.15 -16.57 7.99
N HIS C 141 6.65 -16.07 9.11
CA HIS C 141 6.82 -16.88 10.31
C HIS C 141 5.99 -16.32 11.46
N CYS C 142 5.04 -17.11 11.94
CA CYS C 142 4.17 -16.66 13.02
C CYS C 142 4.20 -17.57 14.23
N THR C 143 4.25 -16.96 15.41
CA THR C 143 4.26 -17.68 16.67
C THR C 143 3.14 -17.23 17.60
N TRP C 144 2.73 -18.10 18.52
CA TRP C 144 1.71 -17.76 19.50
C TRP C 144 1.74 -18.73 20.68
N LEU C 145 0.97 -18.41 21.72
CA LEU C 145 0.84 -19.30 22.87
C LEU C 145 -0.54 -19.95 22.86
N VAL C 146 -0.70 -21.03 23.61
CA VAL C 146 -1.93 -21.82 23.56
C VAL C 146 -3.10 -21.19 24.32
N GLY C 147 -2.86 -20.83 25.56
CA GLY C 147 -3.90 -20.24 26.40
C GLY C 147 -4.11 -21.00 27.69
N THR C 148 -4.47 -20.29 28.76
CA THR C 148 -4.66 -20.90 30.06
C THR C 148 -5.85 -21.85 30.10
N ASP C 149 -6.99 -21.39 29.59
CA ASP C 149 -8.21 -22.20 29.56
C ASP C 149 -8.30 -23.04 28.31
N ALA C 150 -7.22 -23.06 27.53
CA ALA C 150 -7.17 -23.88 26.32
C ALA C 150 -7.22 -25.36 26.68
N PRO C 151 -8.18 -26.09 26.11
CA PRO C 151 -8.36 -27.53 26.32
C PRO C 151 -7.10 -28.33 25.98
N GLU C 152 -7.08 -29.60 26.36
CA GLU C 152 -5.92 -30.44 26.14
C GLU C 152 -6.02 -31.14 24.79
N ASP C 153 -7.21 -31.09 24.20
CA ASP C 153 -7.50 -31.79 22.96
C ASP C 153 -7.65 -30.85 21.77
N THR C 154 -7.63 -29.55 22.04
CA THR C 154 -7.90 -28.55 21.00
C THR C 154 -6.77 -28.39 19.98
N GLN C 155 -7.12 -27.91 18.78
CA GLN C 155 -6.16 -27.71 17.70
C GLN C 155 -6.34 -26.32 17.08
N TYR C 156 -5.26 -25.75 16.56
CA TYR C 156 -5.32 -24.43 15.94
C TYR C 156 -5.03 -24.49 14.43
N PHE C 157 -5.56 -23.52 13.70
CA PHE C 157 -5.34 -23.42 12.26
C PHE C 157 -4.98 -21.99 11.86
N LEU C 158 -3.90 -21.84 11.10
CA LEU C 158 -3.45 -20.52 10.66
C LEU C 158 -3.92 -20.21 9.25
N TYR C 159 -4.34 -18.96 9.04
CA TYR C 159 -4.65 -18.45 7.72
C TYR C 159 -4.17 -17.01 7.63
N TYR C 160 -3.70 -16.60 6.45
CA TYR C 160 -3.35 -15.20 6.24
C TYR C 160 -4.00 -14.67 4.97
N ARG C 161 -4.04 -13.35 4.84
CA ARG C 161 -4.56 -12.72 3.62
C ARG C 161 -3.78 -11.46 3.28
N TYR C 162 -3.27 -11.39 2.06
CA TYR C 162 -2.72 -10.14 1.55
C TYR C 162 -3.39 -9.78 0.23
N GLY C 163 -4.09 -8.65 0.21
CA GLY C 163 -4.85 -8.24 -0.95
C GLY C 163 -6.07 -9.13 -1.14
N SER C 164 -6.09 -9.85 -2.24
CA SER C 164 -7.23 -10.72 -2.54
C SER C 164 -6.89 -12.20 -2.41
N TRP C 165 -5.68 -12.50 -1.93
CA TRP C 165 -5.24 -13.89 -1.81
C TRP C 165 -5.20 -14.38 -0.37
N THR C 166 -5.72 -15.58 -0.13
CA THR C 166 -5.74 -16.18 1.19
C THR C 166 -5.11 -17.58 1.16
N GLU C 167 -4.30 -17.89 2.16
CA GLU C 167 -3.68 -19.21 2.25
C GLU C 167 -3.74 -19.76 3.67
N GLU C 168 -3.87 -21.09 3.77
CA GLU C 168 -3.82 -21.76 5.07
C GLU C 168 -2.42 -22.32 5.29
N CYS C 169 -1.95 -22.28 6.53
CA CYS C 169 -0.62 -22.80 6.86
C CYS C 169 -0.56 -24.31 6.66
N GLN C 170 0.65 -24.80 6.36
CA GLN C 170 0.87 -26.23 6.18
C GLN C 170 2.14 -26.67 6.90
N GLU C 171 2.88 -25.69 7.43
CA GLU C 171 4.10 -25.97 8.18
C GLU C 171 3.94 -25.54 9.64
N TYR C 172 3.35 -26.42 10.45
CA TYR C 172 3.12 -26.12 11.86
C TYR C 172 4.21 -26.66 12.77
N SER C 173 4.67 -25.83 13.69
CA SER C 173 5.46 -26.30 14.82
C SER C 173 4.47 -26.60 15.94
N LYS C 174 4.77 -27.62 16.75
CA LYS C 174 3.83 -28.04 17.79
C LYS C 174 4.46 -28.08 19.18
N ASP C 175 3.61 -28.20 20.19
CA ASP C 175 4.07 -28.33 21.57
C ASP C 175 3.95 -29.78 22.03
N THR C 176 4.04 -29.97 23.34
CA THR C 176 3.96 -31.30 23.95
C THR C 176 2.69 -32.06 23.57
N LEU C 177 1.56 -31.36 23.54
CA LEU C 177 0.27 -32.01 23.29
C LEU C 177 -0.12 -32.10 21.83
N GLY C 178 0.80 -31.75 20.94
CA GLY C 178 0.55 -31.85 19.51
C GLY C 178 -0.42 -30.82 18.98
N ARG C 179 -0.62 -29.75 19.74
CA ARG C 179 -1.44 -28.63 19.29
C ARG C 179 -0.57 -27.52 18.72
N ASN C 180 -0.97 -26.99 17.57
CA ASN C 180 -0.15 -26.04 16.82
C ASN C 180 0.21 -24.77 17.58
N ILE C 181 1.47 -24.35 17.48
CA ILE C 181 1.97 -23.23 18.27
C ILE C 181 2.78 -22.24 17.44
N ALA C 182 3.13 -22.63 16.22
CA ALA C 182 3.89 -21.77 15.32
C ALA C 182 3.66 -22.15 13.85
N CYS C 183 3.86 -21.19 12.95
CA CYS C 183 3.63 -21.42 11.51
C CYS C 183 4.80 -20.95 10.66
N TRP C 184 4.88 -21.48 9.44
CA TRP C 184 5.96 -21.11 8.52
C TRP C 184 5.53 -21.12 7.05
N PHE C 185 5.70 -19.98 6.40
CA PHE C 185 5.45 -19.86 4.96
C PHE C 185 6.76 -19.50 4.27
N PRO C 186 7.38 -20.46 3.56
CA PRO C 186 8.56 -20.09 2.78
C PRO C 186 8.18 -19.16 1.62
N ARG C 187 6.99 -19.35 1.07
CA ARG C 187 6.50 -18.52 -0.03
C ARG C 187 5.12 -17.93 0.29
N THR C 188 4.93 -16.65 -0.03
CA THR C 188 3.64 -15.99 0.18
C THR C 188 3.21 -15.16 -1.03
N PHE C 189 1.99 -14.63 -0.95
CA PHE C 189 1.49 -13.72 -1.97
C PHE C 189 1.83 -12.27 -1.58
N ILE C 190 2.47 -12.12 -0.43
CA ILE C 190 2.82 -10.80 0.11
C ILE C 190 3.82 -10.09 -0.79
N LEU C 191 3.44 -8.91 -1.27
CA LEU C 191 4.33 -8.12 -2.13
C LEU C 191 5.43 -7.49 -1.29
N SER C 192 6.67 -7.63 -1.74
CA SER C 192 7.84 -7.18 -1.00
C SER C 192 7.92 -5.66 -0.83
N LYS C 193 7.38 -4.93 -1.81
CA LYS C 193 7.23 -3.50 -1.69
C LYS C 193 5.76 -3.16 -1.44
N GLY C 194 5.05 -4.12 -0.86
CA GLY C 194 3.63 -3.96 -0.60
C GLY C 194 3.36 -2.89 0.44
N ARG C 195 2.18 -2.28 0.33
CA ARG C 195 1.79 -1.19 1.22
C ARG C 195 0.38 -1.38 1.75
N ASP C 196 -0.06 -2.63 1.80
CA ASP C 196 -1.38 -2.97 2.33
C ASP C 196 -1.24 -3.84 3.57
N TRP C 197 -2.34 -4.02 4.28
CA TRP C 197 -2.34 -4.77 5.53
C TRP C 197 -2.11 -6.26 5.30
N LEU C 198 -1.54 -6.93 6.31
CA LEU C 198 -1.49 -8.38 6.33
C LEU C 198 -2.46 -8.91 7.38
N ALA C 199 -3.60 -9.43 6.91
CA ALA C 199 -4.57 -10.01 7.80
C ALA C 199 -4.19 -11.45 8.12
N VAL C 200 -4.05 -11.76 9.40
CA VAL C 200 -3.69 -13.10 9.86
C VAL C 200 -4.79 -13.68 10.74
N LEU C 201 -5.18 -14.93 10.50
CA LEU C 201 -6.25 -15.55 11.27
C LEU C 201 -5.82 -16.90 11.86
N VAL C 202 -5.97 -17.03 13.18
CA VAL C 202 -5.71 -18.29 13.86
C VAL C 202 -7.02 -18.85 14.42
N ASN C 203 -7.59 -19.84 13.72
CA ASN C 203 -8.86 -20.42 14.12
C ASN C 203 -8.68 -21.65 15.00
N GLY C 204 -9.77 -22.13 15.59
CA GLY C 204 -9.70 -23.27 16.49
C GLY C 204 -10.84 -24.26 16.34
N SER C 205 -10.70 -25.41 16.99
CA SER C 205 -11.70 -26.46 16.93
C SER C 205 -11.46 -27.51 18.02
N SER C 206 -12.55 -27.95 18.65
CA SER C 206 -12.50 -29.05 19.60
C SER C 206 -13.87 -29.71 19.72
N LYS C 207 -13.87 -31.04 19.82
CA LYS C 207 -15.11 -31.79 19.95
C LYS C 207 -15.74 -31.63 21.34
N HIS C 208 -14.97 -31.07 22.27
CA HIS C 208 -15.40 -31.01 23.66
C HIS C 208 -15.50 -29.59 24.22
N SER C 209 -15.44 -28.59 23.34
CA SER C 209 -15.56 -27.19 23.73
C SER C 209 -15.69 -26.24 22.54
N ALA C 210 -15.89 -24.96 22.84
CA ALA C 210 -15.91 -23.93 21.81
C ALA C 210 -14.66 -23.07 21.93
N ILE C 211 -14.06 -22.72 20.80
CA ILE C 211 -12.81 -21.96 20.81
C ILE C 211 -12.96 -20.58 20.17
N ARG C 212 -12.61 -19.55 20.92
CA ARG C 212 -12.58 -18.20 20.36
C ARG C 212 -11.37 -18.02 19.46
N PRO C 213 -11.61 -17.68 18.19
CA PRO C 213 -10.53 -17.44 17.21
C PRO C 213 -9.83 -16.12 17.49
N PHE C 214 -8.69 -15.90 16.83
CA PHE C 214 -7.98 -14.62 16.92
C PHE C 214 -7.45 -14.17 15.57
N ASP C 215 -7.71 -12.90 15.23
CA ASP C 215 -7.15 -12.32 14.02
C ASP C 215 -6.44 -11.01 14.34
N GLN C 216 -5.53 -10.60 13.45
CA GLN C 216 -4.75 -9.38 13.66
C GLN C 216 -4.32 -8.75 12.34
N LEU C 217 -4.31 -7.42 12.31
CA LEU C 217 -3.82 -6.69 11.13
C LEU C 217 -2.39 -6.21 11.34
N PHE C 218 -1.49 -6.63 10.46
CA PHE C 218 -0.09 -6.22 10.54
C PHE C 218 0.23 -5.28 9.38
N ALA C 219 1.03 -4.26 9.66
CA ALA C 219 1.59 -3.42 8.62
C ALA C 219 2.97 -3.97 8.26
N LEU C 220 3.25 -4.07 6.97
CA LEU C 220 4.48 -4.72 6.49
C LEU C 220 5.73 -4.03 7.03
N HIS C 221 5.70 -2.71 7.11
CA HIS C 221 6.85 -1.95 7.57
C HIS C 221 7.18 -2.22 9.03
N ALA C 222 6.24 -2.81 9.75
CA ALA C 222 6.42 -3.08 11.17
C ALA C 222 6.91 -4.49 11.45
N ILE C 223 6.66 -5.40 10.52
CA ILE C 223 7.00 -6.81 10.73
C ILE C 223 8.10 -7.32 9.81
N ASP C 224 8.44 -6.52 8.79
CA ASP C 224 9.46 -6.92 7.83
C ASP C 224 10.84 -6.82 8.43
N GLN C 225 11.44 -7.97 8.72
CA GLN C 225 12.81 -8.02 9.20
C GLN C 225 13.77 -7.72 8.05
N ILE C 226 14.48 -6.60 8.14
CA ILE C 226 15.39 -6.18 7.08
C ILE C 226 16.68 -6.98 7.14
N ASN C 227 17.13 -7.48 6.00
CA ASN C 227 18.39 -8.21 5.92
C ASN C 227 19.58 -7.27 6.06
N PRO C 228 20.73 -7.78 6.53
CA PRO C 228 21.90 -6.92 6.75
C PRO C 228 22.49 -6.43 5.44
N PRO C 229 23.29 -5.34 5.48
CA PRO C 229 24.04 -4.92 4.30
C PRO C 229 25.01 -6.03 3.89
N LEU C 230 25.20 -6.20 2.59
CA LEU C 230 25.98 -7.34 2.10
C LEU C 230 27.36 -6.92 1.61
N ASN C 231 28.29 -7.88 1.57
CA ASN C 231 29.65 -7.65 1.10
C ASN C 231 30.36 -6.51 1.83
N VAL C 232 30.16 -6.45 3.15
CA VAL C 232 30.80 -5.44 3.98
C VAL C 232 32.31 -5.66 4.04
N THR C 233 33.05 -4.77 3.40
CA THR C 233 34.51 -4.86 3.40
C THR C 233 35.13 -3.57 3.91
N ALA C 234 36.23 -3.70 4.64
CA ALA C 234 36.97 -2.55 5.14
C ALA C 234 38.44 -2.67 4.79
N GLU C 235 38.98 -1.67 4.11
CA GLU C 235 40.39 -1.68 3.72
C GLU C 235 41.15 -0.56 4.40
N ILE C 236 42.38 -0.85 4.81
CA ILE C 236 43.27 0.16 5.37
C ILE C 236 44.30 0.58 4.34
N GLU C 237 44.19 1.81 3.86
CA GLU C 237 45.20 2.36 2.97
C GLU C 237 46.05 3.36 3.74
N GLY C 238 46.93 2.85 4.59
CA GLY C 238 47.80 3.67 5.40
C GLY C 238 47.08 4.43 6.49
N THR C 239 46.75 5.68 6.21
CA THR C 239 46.21 6.58 7.21
C THR C 239 44.68 6.69 7.22
N ARG C 240 44.02 5.98 6.31
CA ARG C 240 42.57 6.06 6.22
C ARG C 240 41.86 4.71 6.13
N LEU C 241 40.59 4.71 6.49
CA LEU C 241 39.74 3.53 6.40
C LEU C 241 38.79 3.65 5.20
N SER C 242 38.62 2.55 4.47
CA SER C 242 37.70 2.52 3.34
C SER C 242 36.67 1.42 3.55
N ILE C 243 35.40 1.81 3.67
CA ILE C 243 34.32 0.86 3.93
C ILE C 243 33.27 0.88 2.83
N GLN C 244 32.85 -0.30 2.39
CA GLN C 244 31.76 -0.44 1.43
C GLN C 244 30.92 -1.69 1.72
N TRP C 245 29.65 -1.63 1.36
CA TRP C 245 28.75 -2.76 1.54
C TRP C 245 27.80 -2.82 0.35
N GLU C 246 26.68 -3.51 0.50
CA GLU C 246 25.69 -3.56 -0.57
C GLU C 246 24.26 -3.52 -0.05
N LYS C 247 23.42 -2.77 -0.77
CA LYS C 247 22.02 -2.62 -0.39
C LYS C 247 21.33 -3.98 -0.29
N PRO C 248 20.93 -4.36 0.94
CA PRO C 248 20.48 -5.70 1.31
C PRO C 248 19.43 -6.33 0.41
N VAL C 249 19.30 -7.65 0.51
CA VAL C 249 18.32 -8.41 -0.25
C VAL C 249 16.91 -7.94 0.08
N SER C 250 16.44 -6.95 -0.68
CA SER C 250 15.08 -6.44 -0.56
C SER C 250 14.62 -5.95 -1.92
N ALA C 251 13.31 -5.80 -2.08
CA ALA C 251 12.78 -5.31 -3.35
C ALA C 251 12.96 -3.81 -3.48
N PHE C 252 13.16 -3.14 -2.35
CA PHE C 252 13.42 -1.70 -2.35
C PHE C 252 14.73 -1.39 -3.06
N PRO C 253 14.75 -0.30 -3.85
CA PRO C 253 15.84 0.10 -4.75
C PRO C 253 17.18 0.37 -4.06
N ILE C 254 17.66 1.60 -4.17
CA ILE C 254 18.97 1.97 -3.62
C ILE C 254 18.91 3.32 -2.93
N HIS C 255 18.13 4.24 -3.52
CA HIS C 255 17.96 5.57 -2.96
C HIS C 255 16.97 5.59 -1.80
N CYS C 256 16.69 4.42 -1.23
CA CYS C 256 15.65 4.30 -0.20
C CYS C 256 16.14 3.59 1.07
N PHE C 257 17.45 3.59 1.30
CA PHE C 257 17.98 2.89 2.46
C PHE C 257 18.73 3.78 3.45
N ASP C 258 18.42 3.60 4.74
CA ASP C 258 19.18 4.26 5.80
C ASP C 258 20.23 3.30 6.36
N TYR C 259 21.45 3.79 6.49
CA TYR C 259 22.54 2.97 7.02
C TYR C 259 23.18 3.58 8.24
N GLU C 260 23.57 2.73 9.19
CA GLU C 260 24.46 3.14 10.26
C GLU C 260 25.73 2.32 10.16
N VAL C 261 26.86 3.01 10.13
CA VAL C 261 28.16 2.35 10.08
C VAL C 261 28.95 2.65 11.36
N LYS C 262 29.34 1.59 12.06
CA LYS C 262 29.97 1.73 13.37
C LYS C 262 31.45 1.38 13.34
N ILE C 263 32.29 2.38 13.57
CA ILE C 263 33.73 2.17 13.61
C ILE C 263 34.21 2.15 15.06
N HIS C 264 34.65 0.98 15.52
CA HIS C 264 35.07 0.82 16.91
C HIS C 264 36.57 0.65 17.07
N ASN C 265 37.20 1.54 17.81
CA ASN C 265 38.60 1.43 18.14
C ASN C 265 38.81 0.34 19.18
N THR C 266 39.38 -0.79 18.78
CA THR C 266 39.54 -1.92 19.68
C THR C 266 40.58 -1.66 20.77
N ARG C 267 41.35 -0.59 20.60
CA ARG C 267 42.39 -0.23 21.56
C ARG C 267 41.84 0.49 22.78
N ASN C 268 41.42 1.74 22.59
CA ASN C 268 40.94 2.55 23.69
C ASN C 268 39.41 2.60 23.81
N GLY C 269 38.71 2.18 22.75
CA GLY C 269 37.27 2.13 22.78
C GLY C 269 36.59 3.35 22.18
N TYR C 270 37.35 4.16 21.45
CA TYR C 270 36.81 5.33 20.78
C TYR C 270 35.76 4.90 19.76
N LEU C 271 34.61 5.58 19.76
CA LEU C 271 33.47 5.15 18.96
C LEU C 271 32.94 6.22 18.02
N GLN C 272 32.65 5.83 16.78
CA GLN C 272 32.07 6.72 15.79
C GLN C 272 31.01 6.00 14.95
N ILE C 273 29.79 6.50 15.01
CA ILE C 273 28.69 5.94 14.22
C ILE C 273 28.11 7.00 13.31
N GLU C 274 27.96 6.68 12.03
CA GLU C 274 27.38 7.60 11.06
C GLU C 274 26.09 7.03 10.48
N LYS C 275 24.99 7.76 10.66
CA LYS C 275 23.76 7.39 9.99
C LYS C 275 23.75 8.04 8.60
N LEU C 276 23.75 7.21 7.57
CA LEU C 276 23.86 7.70 6.20
C LEU C 276 23.01 6.90 5.23
N MET C 277 22.95 7.35 3.97
CA MET C 277 22.19 6.66 2.93
C MET C 277 23.08 6.15 1.81
N THR C 278 24.26 6.76 1.67
CA THR C 278 25.21 6.33 0.65
C THR C 278 25.77 4.95 0.99
N ASN C 279 26.34 4.27 0.00
CA ASN C 279 26.74 2.88 0.15
C ASN C 279 28.21 2.66 0.48
N ALA C 280 28.93 3.74 0.76
CA ALA C 280 30.34 3.64 1.14
C ALA C 280 30.69 4.72 2.17
N PHE C 281 31.82 4.53 2.85
CA PHE C 281 32.25 5.49 3.88
C PHE C 281 33.76 5.45 4.11
N ILE C 282 34.33 6.63 4.36
CA ILE C 282 35.77 6.76 4.60
C ILE C 282 36.04 7.77 5.72
N SER C 283 36.92 7.41 6.64
CA SER C 283 37.27 8.32 7.74
C SER C 283 38.71 8.12 8.22
N ILE C 284 39.17 9.01 9.08
CA ILE C 284 40.51 8.91 9.62
C ILE C 284 40.56 7.95 10.80
N ILE C 285 41.75 7.46 11.11
CA ILE C 285 41.96 6.52 12.20
C ILE C 285 43.39 6.72 12.72
N ASP C 286 44.09 5.62 12.91
CA ASP C 286 45.53 5.66 13.13
C ASP C 286 46.17 4.46 12.43
N ASP C 287 47.47 4.52 12.22
CA ASP C 287 48.20 3.36 11.70
C ASP C 287 48.43 2.41 12.87
N LEU C 288 48.11 2.89 14.06
CA LEU C 288 48.50 2.22 15.30
C LEU C 288 47.52 1.18 15.82
N SER C 289 46.22 1.47 15.73
CA SER C 289 45.21 0.64 16.37
C SER C 289 44.47 -0.31 15.44
N LYS C 290 43.88 -1.34 16.03
CA LYS C 290 43.03 -2.28 15.30
C LYS C 290 41.57 -1.84 15.44
N TYR C 291 40.82 -1.92 14.34
CA TYR C 291 39.42 -1.52 14.35
C TYR C 291 38.51 -2.65 13.88
N ASP C 292 37.30 -2.69 14.41
CA ASP C 292 36.27 -3.57 13.89
C ASP C 292 35.11 -2.74 13.39
N VAL C 293 34.57 -3.10 12.23
CA VAL C 293 33.53 -2.32 11.58
C VAL C 293 32.26 -3.12 11.33
N GLN C 294 31.11 -2.55 11.69
CA GLN C 294 29.82 -3.17 11.41
C GLN C 294 28.90 -2.19 10.68
N VAL C 295 27.99 -2.72 9.86
CA VAL C 295 27.02 -1.89 9.18
C VAL C 295 25.61 -2.37 9.49
N ARG C 296 24.64 -1.46 9.42
CA ARG C 296 23.28 -1.71 9.86
C ARG C 296 22.33 -1.05 8.88
N ALA C 297 21.29 -1.76 8.46
CA ALA C 297 20.40 -1.25 7.42
C ALA C 297 18.94 -1.14 7.86
N ALA C 298 18.28 -0.11 7.34
CA ALA C 298 16.84 0.07 7.52
C ALA C 298 16.30 0.85 6.33
N VAL C 299 15.10 0.50 5.88
CA VAL C 299 14.45 1.24 4.79
C VAL C 299 14.23 2.68 5.22
N SER C 300 14.67 3.62 4.38
CA SER C 300 14.57 5.04 4.70
C SER C 300 13.13 5.45 4.95
N SER C 301 12.95 6.52 5.71
CA SER C 301 11.61 7.02 6.01
C SER C 301 11.00 7.67 4.77
N MET C 302 11.77 7.70 3.69
CA MET C 302 11.35 8.36 2.47
C MET C 302 10.57 7.49 1.49
N CYS C 303 10.71 6.18 1.64
CA CYS C 303 10.01 5.25 0.77
C CYS C 303 8.81 4.65 1.51
N ARG C 304 9.02 4.34 2.78
CA ARG C 304 8.00 3.73 3.61
C ARG C 304 7.99 4.40 4.98
N GLU C 305 7.06 3.99 5.84
CA GLU C 305 7.06 4.48 7.21
C GLU C 305 8.15 3.74 7.99
N ALA C 306 8.67 4.38 9.04
CA ALA C 306 9.76 3.83 9.84
C ALA C 306 9.53 2.38 10.25
N GLY C 307 10.57 1.56 10.08
CA GLY C 307 10.47 0.15 10.41
C GLY C 307 11.63 -0.34 11.28
N LEU C 308 11.92 -1.62 11.17
CA LEU C 308 12.97 -2.22 11.97
C LEU C 308 14.34 -2.04 11.32
N TRP C 309 15.38 -2.03 12.15
CA TRP C 309 16.75 -2.05 11.63
C TRP C 309 17.14 -3.49 11.35
N SER C 310 18.15 -3.68 10.50
CA SER C 310 18.72 -5.00 10.29
C SER C 310 19.63 -5.31 11.47
N GLU C 311 20.09 -6.56 11.55
CA GLU C 311 21.13 -6.92 12.49
C GLU C 311 22.40 -6.25 11.98
N TRP C 312 23.33 -5.97 12.89
CA TRP C 312 24.64 -5.48 12.44
C TRP C 312 25.33 -6.57 11.63
N SER C 313 26.11 -6.15 10.64
CA SER C 313 26.85 -7.10 9.81
C SER C 313 27.87 -7.83 10.66
N GLN C 314 28.38 -8.96 10.15
CA GLN C 314 29.42 -9.69 10.85
C GLN C 314 30.64 -8.80 11.03
N PRO C 315 31.11 -8.68 12.28
CA PRO C 315 32.20 -7.77 12.65
C PRO C 315 33.47 -8.02 11.86
N ILE C 316 33.86 -7.08 11.02
CA ILE C 316 35.10 -7.20 10.27
C ILE C 316 36.25 -6.42 10.91
N TYR C 317 37.06 -7.14 11.69
CA TYR C 317 38.20 -6.55 12.37
C TYR C 317 39.27 -6.18 11.36
N VAL C 318 39.70 -4.92 11.36
CA VAL C 318 40.68 -4.47 10.38
C VAL C 318 41.78 -3.62 11.01
N GLY C 319 42.95 -3.60 10.38
CA GLY C 319 44.08 -2.82 10.85
C GLY C 319 44.86 -3.48 11.96
N ASN C 320 45.82 -2.76 12.51
CA ASN C 320 46.65 -3.26 13.61
C ASN C 320 47.38 -2.13 14.33
#